data_4N9X
#
_entry.id   4N9X
#
_cell.length_a   120.098
_cell.length_b   120.098
_cell.length_c   149.924
_cell.angle_alpha   90.00
_cell.angle_beta   90.00
_cell.angle_gamma   120.00
#
_symmetry.space_group_name_H-M   'H 3 2'
#
loop_
_entity.id
_entity.type
_entity.pdbx_description
1 polymer 'Putative monooxygenase'
2 water water
#
_entity_poly.entity_id   1
_entity_poly.type   'polypeptide(L)'
_entity_poly.pdbx_seq_one_letter_code
;(MSE)QSFDVVIAGGG(MSE)VGLALACGLQGSGLRIAVLEKQAAEPQTLGKGHALRVSAINAASECLLRHIGVWENLVA
QRVSPYND(MSE)QVWDKDSFGKISFSGEEFGFSHLGHIIENPVIQQVLWQRASQLSDITLLSPTSLKQVAWGENEAFIT
LQDDS(MSE)LTARLVVGADGAHSWLRQHADIPLTFWDYGHHALVANIRTEHPHQSVARQAFHGDGILAFLPLDDPHLCS
IVWSLSPEQALV(MSE)QSLPVEEFNRQVA(MSE)AFD(MSE)RLGLCELESERQTFPL(MSE)GRYARSFAAHRLVLVG
DAAHTIHPLAGQGVNLGF(MSE)DVAELIAELKRLQTQGKDIGQHLYLRRYERRRKHSAAV(MSE)LAS(MSE)QGFREL
FDGDNPAKKLLRDVGLVLADKLPGIKPTLVRQA(MSE)GLHDLPDWLSAGKLEHHHHHH
;
_entity_poly.pdbx_strand_id   A
#
# COMPACT_ATOMS: atom_id res chain seq x y z
N MSE A 1 -33.34 -10.60 -11.88
CA MSE A 1 -31.92 -10.65 -11.57
C MSE A 1 -31.70 -11.16 -10.15
O MSE A 1 -32.53 -11.86 -9.58
CB MSE A 1 -31.28 -9.24 -11.67
CG MSE A 1 -31.96 -8.25 -12.60
SE MSE A 1 -33.51 -7.35 -11.84
CE MSE A 1 -32.97 -7.30 -9.97
N GLN A 2 -30.54 -10.79 -9.62
CA GLN A 2 -30.26 -10.87 -8.20
C GLN A 2 -30.09 -9.42 -7.77
N SER A 3 -30.54 -9.07 -6.57
CA SER A 3 -30.43 -7.69 -6.11
C SER A 3 -29.50 -7.52 -4.93
N PHE A 4 -28.60 -6.55 -5.05
CA PHE A 4 -27.56 -6.26 -4.06
C PHE A 4 -27.52 -4.79 -3.69
N ASP A 5 -27.01 -4.49 -2.50
CA ASP A 5 -26.89 -3.11 -2.04
C ASP A 5 -25.65 -2.53 -2.66
N VAL A 6 -24.59 -3.34 -2.67
CA VAL A 6 -23.30 -2.96 -3.19
C VAL A 6 -22.69 -4.15 -3.90
N VAL A 7 -22.32 -3.99 -5.17
CA VAL A 7 -21.50 -5.01 -5.81
C VAL A 7 -20.08 -4.47 -5.95
N ILE A 8 -19.13 -5.39 -5.87
CA ILE A 8 -17.75 -4.96 -5.82
C ILE A 8 -16.94 -5.59 -6.94
N ALA A 9 -16.61 -4.74 -7.89
CA ALA A 9 -15.81 -5.10 -9.04
C ALA A 9 -14.38 -5.40 -8.62
N GLY A 10 -13.87 -6.53 -9.09
CA GLY A 10 -12.49 -6.89 -8.86
C GLY A 10 -12.22 -7.08 -7.39
N GLY A 11 -12.45 -8.30 -6.92
CA GLY A 11 -12.31 -8.60 -5.51
C GLY A 11 -10.91 -9.03 -5.11
N GLY A 12 -10.06 -8.05 -4.81
CA GLY A 12 -8.76 -8.31 -4.25
C GLY A 12 -8.71 -7.80 -2.81
N MSE A 13 -7.50 -7.59 -2.30
CA MSE A 13 -7.30 -7.22 -0.89
C MSE A 13 -8.31 -6.19 -0.41
O MSE A 13 -9.00 -6.37 0.58
CB MSE A 13 -5.88 -6.66 -0.69
CG MSE A 13 -4.76 -7.60 -1.11
SE MSE A 13 -2.99 -7.14 -0.42
CE MSE A 13 -2.52 -5.76 -1.71
N VAL A 14 -8.39 -5.09 -1.15
CA VAL A 14 -9.06 -3.90 -0.67
C VAL A 14 -10.58 -4.01 -0.76
N GLY A 15 -11.05 -4.66 -1.81
CA GLY A 15 -12.48 -4.78 -2.03
C GLY A 15 -13.06 -5.74 -1.02
N LEU A 16 -12.28 -6.76 -0.68
CA LEU A 16 -12.72 -7.74 0.28
C LEU A 16 -12.67 -7.15 1.65
N ALA A 17 -11.56 -6.50 1.98
CA ALA A 17 -11.53 -5.65 3.16
C ALA A 17 -12.83 -4.83 3.25
N LEU A 18 -13.26 -4.24 2.14
CA LEU A 18 -14.54 -3.55 2.13
C LEU A 18 -15.71 -4.49 2.42
N ALA A 19 -15.71 -5.66 1.81
CA ALA A 19 -16.79 -6.63 1.98
C ALA A 19 -16.98 -6.99 3.46
N CYS A 20 -15.96 -7.62 4.05
CA CYS A 20 -15.88 -7.81 5.49
C CYS A 20 -15.60 -6.46 6.13
N GLY A 21 -16.64 -5.81 6.63
CA GLY A 21 -16.46 -4.45 7.09
C GLY A 21 -17.72 -3.73 6.72
N LEU A 22 -18.06 -3.73 5.44
CA LEU A 22 -19.33 -3.17 5.04
C LEU A 22 -20.32 -4.27 5.24
N GLN A 23 -20.72 -4.46 6.49
CA GLN A 23 -21.43 -5.65 6.87
C GLN A 23 -21.90 -5.41 8.29
N GLY A 24 -22.93 -6.16 8.71
CA GLY A 24 -23.60 -5.84 9.95
C GLY A 24 -24.10 -4.44 9.76
N SER A 25 -24.70 -4.21 8.61
CA SER A 25 -24.97 -2.87 8.11
C SER A 25 -26.34 -2.83 7.43
N GLY A 26 -26.89 -4.01 7.17
CA GLY A 26 -28.16 -4.12 6.47
C GLY A 26 -27.97 -4.14 4.97
N LEU A 27 -26.72 -4.12 4.52
CA LEU A 27 -26.41 -4.13 3.10
C LEU A 27 -26.03 -5.52 2.61
N ARG A 28 -26.70 -5.98 1.55
CA ARG A 28 -26.31 -7.18 0.84
C ARG A 28 -25.20 -6.83 -0.15
N ILE A 29 -24.13 -7.63 -0.14
CA ILE A 29 -22.99 -7.36 -0.98
C ILE A 29 -22.72 -8.47 -1.99
N ALA A 30 -22.63 -8.07 -3.25
CA ALA A 30 -22.07 -8.93 -4.28
C ALA A 30 -20.62 -8.50 -4.55
N VAL A 31 -19.82 -9.44 -5.03
CA VAL A 31 -18.41 -9.21 -5.23
C VAL A 31 -17.99 -9.91 -6.53
N LEU A 32 -17.51 -9.15 -7.50
CA LEU A 32 -17.09 -9.73 -8.77
C LEU A 32 -15.59 -9.91 -8.82
N GLU A 33 -15.15 -11.16 -8.95
CA GLU A 33 -13.75 -11.51 -9.21
C GLU A 33 -13.63 -12.02 -10.65
N LYS A 34 -12.92 -11.26 -11.48
CA LYS A 34 -12.85 -11.56 -12.90
C LYS A 34 -11.85 -12.68 -13.23
N GLN A 35 -11.28 -13.30 -12.20
CA GLN A 35 -10.43 -14.49 -12.39
C GLN A 35 -10.62 -15.53 -11.29
N GLY A 43 1.36 -20.47 -3.59
CA GLY A 43 2.00 -21.55 -2.88
C GLY A 43 2.55 -21.14 -1.51
N LYS A 44 3.45 -21.95 -0.97
CA LYS A 44 4.04 -21.75 0.36
C LYS A 44 5.46 -21.12 0.38
N GLY A 45 6.00 -20.83 -0.80
CA GLY A 45 7.27 -20.15 -0.93
C GLY A 45 7.09 -18.65 -0.77
N HIS A 46 8.20 -17.92 -0.65
CA HIS A 46 8.18 -16.45 -0.49
C HIS A 46 7.61 -15.76 -1.70
N ALA A 47 6.40 -15.21 -1.57
CA ALA A 47 5.73 -14.53 -2.67
C ALA A 47 6.56 -13.38 -3.28
N LEU A 48 6.27 -13.03 -4.53
CA LEU A 48 7.02 -11.99 -5.21
C LEU A 48 6.53 -10.67 -4.71
N ARG A 49 5.22 -10.63 -4.48
CA ARG A 49 4.53 -9.42 -4.12
C ARG A 49 4.23 -9.34 -2.63
N VAL A 50 4.73 -8.30 -1.97
CA VAL A 50 4.44 -8.09 -0.55
C VAL A 50 4.05 -6.66 -0.29
N SER A 51 3.22 -6.48 0.72
CA SER A 51 2.87 -5.15 1.12
C SER A 51 3.34 -4.94 2.58
N ALA A 52 3.70 -3.71 2.93
CA ALA A 52 4.12 -3.40 4.31
C ALA A 52 2.95 -2.78 5.05
N ILE A 53 2.25 -3.65 5.75
CA ILE A 53 0.98 -3.36 6.39
C ILE A 53 1.20 -2.61 7.71
N ASN A 54 0.64 -1.41 7.84
CA ASN A 54 0.88 -0.62 9.07
C ASN A 54 -0.11 -0.89 10.22
N ALA A 55 0.09 -0.19 11.33
CA ALA A 55 -0.74 -0.36 12.52
C ALA A 55 -2.21 -0.03 12.27
N ALA A 56 -2.45 1.00 11.47
CA ALA A 56 -3.81 1.40 11.15
C ALA A 56 -4.46 0.29 10.35
N SER A 57 -3.73 -0.22 9.35
CA SER A 57 -4.23 -1.31 8.52
C SER A 57 -4.49 -2.57 9.34
N GLU A 58 -3.58 -2.83 10.29
CA GLU A 58 -3.71 -3.93 11.22
C GLU A 58 -4.99 -3.81 12.04
N CYS A 59 -5.32 -2.59 12.45
CA CYS A 59 -6.54 -2.37 13.23
C CYS A 59 -7.82 -2.56 12.41
N LEU A 60 -7.69 -2.48 11.08
CA LEU A 60 -8.81 -2.78 10.18
C LEU A 60 -8.94 -4.29 10.02
N LEU A 61 -7.81 -4.96 9.84
CA LEU A 61 -7.81 -6.42 9.66
C LEU A 61 -8.09 -7.21 10.96
N ARG A 62 -7.67 -6.67 12.10
CA ARG A 62 -7.95 -7.26 13.41
C ARG A 62 -9.42 -7.08 13.68
N HIS A 63 -9.98 -5.97 13.21
CA HIS A 63 -11.38 -5.71 13.43
C HIS A 63 -12.21 -6.67 12.61
N ILE A 64 -11.82 -6.86 11.36
CA ILE A 64 -12.62 -7.74 10.51
C ILE A 64 -12.35 -9.23 10.77
N GLY A 65 -11.45 -9.51 11.72
CA GLY A 65 -11.35 -10.83 12.33
C GLY A 65 -10.36 -11.79 11.69
N VAL A 66 -9.46 -11.21 10.90
CA VAL A 66 -8.65 -11.98 9.98
C VAL A 66 -7.17 -11.95 10.36
N TRP A 67 -6.82 -11.04 11.25
CA TRP A 67 -5.43 -10.84 11.65
C TRP A 67 -4.76 -12.14 12.07
N GLU A 68 -5.36 -12.79 13.06
CA GLU A 68 -4.90 -14.07 13.58
C GLU A 68 -4.57 -15.07 12.48
N ASN A 69 -5.37 -15.07 11.41
CA ASN A 69 -5.14 -15.96 10.29
C ASN A 69 -3.78 -15.80 9.63
N LEU A 70 -3.56 -14.69 8.93
CA LEU A 70 -2.28 -14.52 8.24
C LEU A 70 -1.10 -14.30 9.18
N VAL A 71 -1.38 -14.06 10.46
CA VAL A 71 -0.34 -14.14 11.48
C VAL A 71 0.17 -15.58 11.56
N ALA A 72 -0.75 -16.51 11.82
CA ALA A 72 -0.42 -17.93 11.89
C ALA A 72 0.20 -18.45 10.60
N GLN A 73 0.01 -17.69 9.52
CA GLN A 73 0.60 -18.03 8.24
C GLN A 73 2.06 -17.62 8.26
N ARG A 74 2.28 -16.34 7.97
CA ARG A 74 3.62 -15.81 7.86
C ARG A 74 3.55 -14.29 8.08
N VAL A 75 4.24 -13.83 9.12
CA VAL A 75 4.32 -12.40 9.41
C VAL A 75 5.72 -12.02 9.87
N SER A 76 6.16 -10.85 9.41
CA SER A 76 7.53 -10.40 9.55
C SER A 76 7.62 -8.99 10.15
N PRO A 77 7.45 -8.87 11.47
CA PRO A 77 7.42 -7.62 12.23
C PRO A 77 8.67 -6.78 12.03
N TYR A 78 8.51 -5.51 11.68
CA TYR A 78 9.62 -4.56 11.81
C TYR A 78 9.21 -3.52 12.83
N ASN A 79 10.12 -3.15 13.71
CA ASN A 79 9.86 -2.00 14.58
C ASN A 79 10.79 -0.82 14.33
N ASP A 80 11.69 -0.98 13.38
CA ASP A 80 12.77 -0.06 13.21
C ASP A 80 12.95 0.26 11.75
N MSE A 81 13.28 1.52 11.46
CA MSE A 81 13.34 1.98 10.09
C MSE A 81 14.57 2.84 9.87
O MSE A 81 15.02 3.52 10.79
CB MSE A 81 12.08 2.75 9.76
CG MSE A 81 11.72 2.68 8.33
SE MSE A 81 9.84 2.97 7.93
CE MSE A 81 10.12 3.31 6.06
N GLN A 82 15.13 2.78 8.66
CA GLN A 82 16.28 3.60 8.30
C GLN A 82 16.10 4.11 6.93
N VAL A 83 16.20 5.43 6.78
CA VAL A 83 16.16 6.08 5.50
C VAL A 83 17.42 6.89 5.37
N TRP A 84 18.07 6.84 4.20
CA TRP A 84 19.21 7.71 3.93
C TRP A 84 19.33 8.14 2.46
N ASP A 85 20.21 9.12 2.20
CA ASP A 85 20.40 9.66 0.85
C ASP A 85 21.87 9.51 0.42
N LYS A 86 22.13 8.97 -0.76
CA LYS A 86 23.50 8.65 -1.14
C LYS A 86 24.25 9.88 -1.63
N ASP A 87 23.52 10.97 -1.87
CA ASP A 87 24.13 12.19 -2.40
C ASP A 87 24.56 13.22 -1.36
N SER A 88 23.71 13.49 -0.38
CA SER A 88 24.05 14.47 0.64
C SER A 88 24.57 13.73 1.86
N PHE A 89 24.38 12.42 1.87
CA PHE A 89 24.75 11.59 3.01
C PHE A 89 23.81 11.83 4.19
N GLY A 90 22.73 12.58 3.99
CA GLY A 90 21.73 12.74 5.03
C GLY A 90 21.11 11.39 5.35
N LYS A 91 20.63 11.22 6.59
CA LYS A 91 19.98 9.99 7.01
C LYS A 91 19.16 10.15 8.30
N ILE A 92 18.02 9.47 8.37
CA ILE A 92 17.19 9.48 9.56
C ILE A 92 16.75 8.07 9.88
N SER A 93 16.85 7.68 11.13
CA SER A 93 16.44 6.36 11.55
C SER A 93 15.49 6.50 12.74
N PHE A 94 14.59 5.53 12.94
CA PHE A 94 13.58 5.65 14.00
C PHE A 94 12.92 4.31 14.34
N SER A 95 12.29 4.26 15.51
CA SER A 95 11.74 3.04 16.09
C SER A 95 10.51 3.37 16.91
N GLY A 96 9.64 2.39 17.10
CA GLY A 96 8.46 2.61 17.91
C GLY A 96 8.81 2.27 19.33
N GLU A 97 9.87 1.49 19.47
CA GLU A 97 10.31 0.97 20.76
C GLU A 97 10.70 2.13 21.61
N GLU A 98 11.19 3.17 20.95
CA GLU A 98 11.54 4.45 21.56
C GLU A 98 10.32 5.17 22.15
N PHE A 99 9.13 4.69 21.80
CA PHE A 99 7.88 5.32 22.20
C PHE A 99 6.97 4.21 22.66
N GLY A 100 7.60 3.08 23.01
CA GLY A 100 6.93 1.97 23.67
C GLY A 100 6.15 1.04 22.78
N PHE A 101 6.28 1.20 21.46
CA PHE A 101 5.58 0.32 20.51
C PHE A 101 6.41 -0.92 20.20
N SER A 102 5.74 -2.05 19.97
CA SER A 102 6.39 -3.32 19.68
C SER A 102 6.68 -3.49 18.19
N HIS A 103 5.85 -2.87 17.36
CA HIS A 103 6.08 -2.92 15.93
C HIS A 103 5.55 -1.65 15.26
N LEU A 104 6.14 -1.28 14.13
CA LEU A 104 5.67 -0.19 13.28
C LEU A 104 4.71 -0.75 12.23
N GLY A 105 5.02 -1.93 11.71
CA GLY A 105 4.19 -2.62 10.73
C GLY A 105 4.53 -4.10 10.59
N HIS A 106 4.04 -4.72 9.51
CA HIS A 106 4.37 -6.10 9.16
C HIS A 106 4.52 -6.24 7.68
N ILE A 107 5.52 -7.00 7.27
CA ILE A 107 5.63 -7.30 5.87
C ILE A 107 4.79 -8.54 5.71
N ILE A 108 3.84 -8.49 4.77
CA ILE A 108 2.94 -9.60 4.54
C ILE A 108 2.79 -9.81 3.03
N GLU A 109 2.90 -11.06 2.59
CA GLU A 109 2.67 -11.43 1.20
C GLU A 109 1.23 -11.16 0.75
N ASN A 110 1.08 -10.52 -0.41
CA ASN A 110 -0.21 -10.24 -1.00
C ASN A 110 -1.11 -11.47 -1.19
N PRO A 111 -0.61 -12.57 -1.81
CA PRO A 111 -1.45 -13.77 -1.93
C PRO A 111 -2.03 -14.27 -0.60
N VAL A 112 -1.21 -14.28 0.44
CA VAL A 112 -1.73 -14.63 1.75
C VAL A 112 -2.86 -13.70 2.21
N ILE A 113 -2.65 -12.38 2.13
CA ILE A 113 -3.66 -11.41 2.52
C ILE A 113 -4.97 -11.65 1.78
N GLN A 114 -4.90 -11.72 0.45
CA GLN A 114 -6.10 -11.83 -0.36
C GLN A 114 -6.79 -13.18 -0.22
N GLN A 115 -6.04 -14.27 -0.28
CA GLN A 115 -6.68 -15.57 -0.15
C GLN A 115 -7.33 -15.72 1.25
N VAL A 116 -6.74 -15.06 2.24
CA VAL A 116 -7.34 -15.00 3.56
C VAL A 116 -8.65 -14.21 3.59
N LEU A 117 -8.68 -12.99 3.06
CA LEU A 117 -9.92 -12.21 3.03
C LEU A 117 -10.98 -12.85 2.15
N TRP A 118 -10.52 -13.66 1.18
CA TRP A 118 -11.40 -14.43 0.32
C TRP A 118 -12.12 -15.51 1.15
N GLN A 119 -11.36 -16.17 2.03
CA GLN A 119 -11.92 -17.22 2.87
C GLN A 119 -12.95 -16.65 3.84
N ARG A 120 -12.73 -15.41 4.27
CA ARG A 120 -13.68 -14.77 5.16
C ARG A 120 -14.94 -14.45 4.39
N ALA A 121 -14.75 -14.08 3.12
CA ALA A 121 -15.85 -13.62 2.28
C ALA A 121 -17.03 -14.60 2.24
N SER A 122 -16.75 -15.86 1.96
CA SER A 122 -17.79 -16.89 1.88
C SER A 122 -18.09 -17.49 3.25
N GLN A 123 -17.33 -17.06 4.26
CA GLN A 123 -17.64 -17.37 5.64
C GLN A 123 -18.52 -16.25 6.16
N LEU A 124 -19.14 -15.55 5.22
CA LEU A 124 -20.10 -14.51 5.52
C LEU A 124 -21.20 -14.63 4.49
N SER A 125 -22.45 -14.53 4.96
CA SER A 125 -23.64 -14.90 4.17
C SER A 125 -24.26 -13.74 3.39
N ASP A 126 -24.08 -12.51 3.88
CA ASP A 126 -24.44 -11.32 3.10
C ASP A 126 -23.41 -11.01 2.02
N ILE A 127 -22.41 -11.88 1.92
CA ILE A 127 -21.50 -11.85 0.81
C ILE A 127 -21.57 -13.17 0.04
N THR A 128 -21.75 -13.05 -1.27
CA THR A 128 -21.55 -14.17 -2.17
C THR A 128 -20.50 -13.73 -3.17
N LEU A 129 -19.78 -14.71 -3.74
CA LEU A 129 -18.64 -14.42 -4.59
C LEU A 129 -18.89 -14.91 -6.01
N LEU A 130 -18.71 -14.01 -6.96
CA LEU A 130 -19.03 -14.31 -8.35
C LEU A 130 -17.77 -14.35 -9.24
N SER A 131 -17.44 -15.55 -9.71
CA SER A 131 -16.19 -15.80 -10.41
C SER A 131 -16.21 -17.16 -11.10
N PRO A 132 -15.45 -17.31 -12.20
CA PRO A 132 -14.71 -16.23 -12.87
C PRO A 132 -15.65 -15.47 -13.79
N THR A 133 -15.92 -14.20 -13.47
CA THR A 133 -16.93 -13.44 -14.21
C THR A 133 -16.41 -12.08 -14.69
N SER A 134 -16.63 -11.80 -15.97
CA SER A 134 -16.32 -10.49 -16.56
C SER A 134 -17.61 -9.77 -16.99
N LEU A 135 -17.54 -8.44 -17.04
CA LEU A 135 -18.74 -7.63 -17.37
C LEU A 135 -19.01 -7.50 -18.87
N LYS A 136 -20.26 -7.69 -19.27
CA LYS A 136 -20.64 -7.54 -20.66
C LYS A 136 -21.23 -6.15 -20.92
N GLN A 137 -22.05 -5.69 -19.96
CA GLN A 137 -22.71 -4.39 -20.06
C GLN A 137 -23.11 -3.86 -18.68
N VAL A 138 -23.02 -2.53 -18.51
CA VAL A 138 -23.60 -1.89 -17.35
C VAL A 138 -24.40 -0.64 -17.76
N ALA A 139 -25.70 -0.67 -17.47
CA ALA A 139 -26.58 0.45 -17.76
C ALA A 139 -26.91 1.19 -16.46
N TRP A 140 -26.19 2.27 -16.20
CA TRP A 140 -26.33 3.02 -14.95
C TRP A 140 -27.68 3.68 -14.77
N GLY A 141 -28.55 3.02 -14.00
CA GLY A 141 -29.89 3.51 -13.76
C GLY A 141 -29.98 4.50 -12.62
N GLU A 142 -31.14 5.14 -12.46
CA GLU A 142 -31.28 6.14 -11.41
C GLU A 142 -31.25 5.50 -10.03
N ASN A 143 -31.88 4.32 -9.90
CA ASN A 143 -32.05 3.67 -8.61
C ASN A 143 -31.33 2.32 -8.49
N GLU A 144 -31.05 1.69 -9.63
CA GLU A 144 -30.31 0.43 -9.64
C GLU A 144 -29.12 0.51 -10.59
N ALA A 145 -28.21 -0.45 -10.48
CA ALA A 145 -26.99 -0.45 -11.28
C ALA A 145 -27.24 -1.09 -12.62
N PHE A 146 -28.12 -2.08 -12.63
CA PHE A 146 -28.53 -2.76 -13.85
C PHE A 146 -27.36 -3.33 -14.65
N ILE A 147 -26.29 -3.69 -13.94
CA ILE A 147 -25.13 -4.26 -14.61
C ILE A 147 -25.46 -5.69 -15.06
N THR A 148 -24.69 -6.21 -16.00
CA THR A 148 -24.92 -7.55 -16.50
C THR A 148 -23.62 -8.34 -16.46
N LEU A 149 -23.72 -9.64 -16.73
CA LEU A 149 -22.53 -10.49 -16.79
C LEU A 149 -22.40 -11.15 -18.16
N GLN A 150 -21.19 -11.62 -18.49
CA GLN A 150 -20.92 -12.29 -19.76
C GLN A 150 -21.80 -13.53 -19.94
N ASP A 151 -22.17 -14.13 -18.82
CA ASP A 151 -23.04 -15.30 -18.83
C ASP A 151 -24.49 -14.82 -18.73
N ASP A 152 -24.71 -13.60 -19.19
CA ASP A 152 -26.05 -13.04 -19.35
C ASP A 152 -26.91 -13.04 -18.08
N SER A 153 -26.27 -13.20 -16.93
CA SER A 153 -26.96 -13.07 -15.64
C SER A 153 -27.15 -11.60 -15.29
N MSE A 154 -28.38 -11.11 -15.39
CA MSE A 154 -28.67 -9.72 -15.04
C MSE A 154 -28.38 -9.48 -13.57
O MSE A 154 -28.52 -10.38 -12.74
CB MSE A 154 -30.12 -9.39 -15.38
CG MSE A 154 -30.34 -8.91 -16.80
SE MSE A 154 -29.92 -7.01 -17.03
CE MSE A 154 -31.55 -6.23 -16.29
N LEU A 155 -27.96 -8.26 -13.25
CA LEU A 155 -27.58 -7.89 -11.89
C LEU A 155 -27.95 -6.43 -11.58
N THR A 156 -28.40 -6.13 -10.37
CA THR A 156 -28.66 -4.74 -10.01
C THR A 156 -28.06 -4.32 -8.65
N ALA A 157 -27.69 -3.03 -8.55
CA ALA A 157 -27.08 -2.51 -7.33
C ALA A 157 -27.40 -1.04 -7.05
N ARG A 158 -27.57 -0.72 -5.77
CA ARG A 158 -27.69 0.66 -5.31
C ARG A 158 -26.45 1.46 -5.74
N LEU A 159 -25.31 1.15 -5.12
CA LEU A 159 -24.03 1.74 -5.46
C LEU A 159 -23.09 0.64 -5.96
N VAL A 160 -22.14 1.00 -6.81
CA VAL A 160 -21.12 0.06 -7.25
C VAL A 160 -19.78 0.57 -6.77
N VAL A 161 -18.89 -0.31 -6.32
CA VAL A 161 -17.52 0.14 -6.03
C VAL A 161 -16.39 -0.74 -6.58
N GLY A 162 -15.49 -0.11 -7.35
CA GLY A 162 -14.35 -0.79 -7.93
C GLY A 162 -13.04 -0.55 -7.20
N ALA A 163 -12.16 -1.54 -7.26
CA ALA A 163 -10.89 -1.49 -6.54
C ALA A 163 -9.89 -2.52 -7.06
N ASP A 164 -8.65 -2.44 -6.55
CA ASP A 164 -7.59 -3.41 -6.87
C ASP A 164 -7.42 -3.57 -8.38
N GLY A 165 -7.64 -2.51 -9.13
CA GLY A 165 -7.63 -2.59 -10.58
C GLY A 165 -8.92 -2.08 -11.23
N ALA A 166 -9.69 -2.98 -11.83
CA ALA A 166 -11.00 -2.67 -12.43
C ALA A 166 -11.10 -1.32 -13.19
N ASP A 182 -2.02 7.34 -15.02
CA ASP A 182 -0.73 7.91 -15.39
C ASP A 182 0.30 7.57 -14.31
N TYR A 183 1.54 7.34 -14.71
CA TYR A 183 2.58 6.98 -13.74
C TYR A 183 3.89 7.60 -14.12
N GLY A 184 4.81 7.66 -13.17
CA GLY A 184 6.10 8.25 -13.46
C GLY A 184 7.23 7.24 -13.40
N HIS A 185 7.17 6.38 -12.39
CA HIS A 185 8.23 5.42 -12.15
C HIS A 185 7.69 3.99 -12.22
N HIS A 186 8.58 3.03 -12.41
CA HIS A 186 8.21 1.64 -12.23
C HIS A 186 8.88 1.15 -10.95
N ALA A 187 8.32 0.10 -10.36
CA ALA A 187 8.97 -0.57 -9.26
C ALA A 187 9.44 -1.94 -9.78
N LEU A 188 10.72 -2.25 -9.54
CA LEU A 188 11.25 -3.60 -9.66
C LEU A 188 11.19 -4.17 -8.26
N VAL A 189 10.60 -5.35 -8.14
CA VAL A 189 10.54 -5.99 -6.83
C VAL A 189 11.10 -7.37 -7.01
N ALA A 190 11.69 -7.89 -5.93
CA ALA A 190 12.32 -9.19 -5.93
C ALA A 190 12.78 -9.57 -4.52
N ASN A 191 12.98 -10.87 -4.36
CA ASN A 191 13.54 -11.43 -3.14
C ASN A 191 15.05 -11.48 -3.25
N ILE A 192 15.70 -10.98 -2.21
CA ILE A 192 17.14 -10.82 -2.22
C ILE A 192 17.78 -11.35 -0.93
N ARG A 193 18.68 -12.32 -1.08
CA ARG A 193 19.41 -12.81 0.07
C ARG A 193 20.60 -11.90 0.32
N THR A 194 20.74 -11.45 1.56
CA THR A 194 21.88 -10.63 1.94
C THR A 194 22.89 -11.30 2.86
N GLU A 195 24.14 -10.95 2.63
CA GLU A 195 25.26 -11.31 3.49
C GLU A 195 24.91 -11.06 4.97
N HIS A 196 24.56 -9.82 5.32
CA HIS A 196 24.28 -9.45 6.71
C HIS A 196 22.80 -9.48 7.01
N PRO A 197 22.44 -9.88 8.24
CA PRO A 197 21.00 -9.96 8.55
C PRO A 197 20.38 -8.58 8.56
N HIS A 198 19.16 -8.48 8.04
CA HIS A 198 18.48 -7.21 7.92
C HIS A 198 18.07 -6.73 9.29
N GLN A 199 17.99 -7.69 10.20
CA GLN A 199 17.70 -7.47 11.61
C GLN A 199 16.36 -6.81 11.82
N SER A 200 15.43 -7.10 10.92
CA SER A 200 14.06 -6.57 10.97
C SER A 200 13.96 -5.06 10.83
N VAL A 201 14.83 -4.51 9.99
CA VAL A 201 14.83 -3.10 9.71
C VAL A 201 14.33 -2.87 8.29
N ALA A 202 13.32 -2.04 8.15
CA ALA A 202 12.92 -1.53 6.84
C ALA A 202 13.94 -0.47 6.46
N ARG A 203 14.65 -0.67 5.37
CA ARG A 203 15.67 0.28 4.93
C ARG A 203 15.35 0.91 3.58
N GLN A 204 15.65 2.20 3.43
CA GLN A 204 15.34 2.95 2.22
C GLN A 204 16.46 3.94 1.86
N ALA A 205 17.01 3.81 0.65
CA ALA A 205 18.10 4.67 0.20
C ALA A 205 17.73 5.45 -1.05
N PHE A 206 17.94 6.76 -1.00
CA PHE A 206 17.68 7.63 -2.17
C PHE A 206 18.97 7.77 -2.93
N HIS A 207 18.89 7.70 -4.24
N HIS A 207 18.89 7.68 -4.25
CA HIS A 207 20.04 7.95 -5.08
CA HIS A 207 20.06 7.87 -5.11
C HIS A 207 19.58 8.56 -6.38
C HIS A 207 19.67 8.54 -6.44
N GLY A 208 19.75 9.87 -6.47
CA GLY A 208 19.25 10.62 -7.61
C GLY A 208 17.74 10.48 -7.68
N ASP A 209 17.22 10.12 -8.85
CA ASP A 209 15.82 9.74 -8.90
C ASP A 209 15.67 8.21 -8.94
N GLY A 210 16.50 7.54 -8.16
CA GLY A 210 16.26 6.15 -7.88
C GLY A 210 16.02 6.03 -6.39
N ILE A 211 15.02 5.25 -6.01
CA ILE A 211 14.93 4.84 -4.62
C ILE A 211 14.84 3.33 -4.47
N LEU A 212 15.65 2.83 -3.54
CA LEU A 212 15.86 1.43 -3.33
C LEU A 212 15.56 1.04 -1.87
N ALA A 213 14.51 0.24 -1.68
CA ALA A 213 14.12 -0.14 -0.33
C ALA A 213 14.29 -1.64 -0.09
N PHE A 214 14.66 -2.02 1.13
CA PHE A 214 14.72 -3.44 1.50
C PHE A 214 13.71 -3.71 2.61
N LEU A 215 12.71 -4.52 2.31
CA LEU A 215 11.68 -4.89 3.28
C LEU A 215 12.02 -6.25 3.89
N PRO A 216 12.18 -6.31 5.21
CA PRO A 216 12.64 -7.55 5.89
C PRO A 216 11.59 -8.65 5.89
N LEU A 217 12.01 -9.88 5.59
CA LEU A 217 11.12 -11.03 5.58
C LEU A 217 11.40 -11.99 6.76
N ASP A 218 10.61 -13.07 6.83
CA ASP A 218 10.75 -14.12 7.83
C ASP A 218 12.18 -14.65 7.97
N ASP A 219 12.76 -15.08 6.85
CA ASP A 219 14.17 -15.46 6.78
C ASP A 219 15.01 -14.28 7.28
N PRO A 220 15.89 -14.53 8.27
CA PRO A 220 16.65 -13.41 8.84
C PRO A 220 17.61 -12.75 7.83
N HIS A 221 17.82 -13.39 6.69
CA HIS A 221 18.71 -12.86 5.67
C HIS A 221 18.05 -12.62 4.36
N LEU A 222 16.72 -12.55 4.34
CA LEU A 222 16.02 -12.26 3.10
C LEU A 222 15.16 -10.99 3.13
N CYS A 223 15.26 -10.19 2.06
CA CYS A 223 14.40 -9.04 1.90
C CYS A 223 13.67 -9.05 0.58
N SER A 224 12.50 -8.44 0.57
CA SER A 224 11.80 -8.11 -0.66
C SER A 224 12.08 -6.63 -0.91
N ILE A 225 12.60 -6.32 -2.08
CA ILE A 225 12.95 -4.96 -2.40
C ILE A 225 11.82 -4.30 -3.17
N VAL A 226 11.87 -2.98 -3.19
CA VAL A 226 11.08 -2.13 -4.05
C VAL A 226 12.10 -1.15 -4.59
N TRP A 227 12.32 -1.18 -5.89
CA TRP A 227 13.26 -0.27 -6.54
C TRP A 227 12.52 0.64 -7.50
N SER A 228 12.24 1.88 -7.07
CA SER A 228 11.59 2.84 -7.96
C SER A 228 12.56 3.44 -8.97
N LEU A 229 12.28 3.19 -10.22
CA LEU A 229 13.20 3.58 -11.27
C LEU A 229 12.37 4.17 -12.40
N SER A 230 13.02 4.88 -13.31
CA SER A 230 12.35 5.25 -14.53
C SER A 230 12.04 3.92 -15.24
N PRO A 231 10.97 3.90 -16.05
CA PRO A 231 10.63 2.73 -16.87
C PRO A 231 11.82 2.15 -17.66
N GLU A 232 12.69 3.02 -18.13
CA GLU A 232 13.84 2.60 -18.93
C GLU A 232 14.88 1.95 -18.04
N GLN A 233 15.09 2.55 -16.88
CA GLN A 233 15.98 1.97 -15.87
C GLN A 233 15.46 0.64 -15.31
N ALA A 234 14.17 0.60 -14.97
CA ALA A 234 13.58 -0.64 -14.44
C ALA A 234 13.75 -1.80 -15.45
N LEU A 235 13.56 -1.49 -16.72
CA LEU A 235 13.66 -2.48 -17.78
C LEU A 235 15.08 -3.02 -17.93
N VAL A 236 16.07 -2.14 -17.82
CA VAL A 236 17.46 -2.57 -17.97
C VAL A 236 17.88 -3.46 -16.79
N MSE A 237 17.60 -3.00 -15.58
CA MSE A 237 17.79 -3.80 -14.39
C MSE A 237 17.11 -5.17 -14.44
O MSE A 237 17.68 -6.17 -14.00
CB MSE A 237 17.22 -3.06 -13.17
CG MSE A 237 17.97 -1.82 -12.84
SE MSE A 237 19.87 -2.19 -12.61
CE MSE A 237 20.32 -0.42 -11.92
N GLN A 238 15.91 -5.22 -14.97
CA GLN A 238 15.20 -6.49 -15.05
C GLN A 238 15.86 -7.45 -16.02
N SER A 239 16.51 -6.90 -17.04
CA SER A 239 17.10 -7.73 -18.06
C SER A 239 18.60 -7.95 -17.90
N LEU A 240 19.19 -7.35 -16.88
CA LEU A 240 20.61 -7.51 -16.61
C LEU A 240 20.87 -8.94 -16.23
N PRO A 241 22.07 -9.47 -16.53
CA PRO A 241 22.37 -10.81 -16.01
C PRO A 241 22.40 -10.73 -14.49
N VAL A 242 22.18 -11.85 -13.81
CA VAL A 242 22.01 -11.82 -12.35
C VAL A 242 23.25 -11.40 -11.58
N GLU A 243 24.44 -11.74 -12.07
CA GLU A 243 25.65 -11.41 -11.31
C GLU A 243 25.88 -9.91 -11.33
N GLU A 244 25.34 -9.28 -12.37
CA GLU A 244 25.47 -7.87 -12.56
C GLU A 244 24.37 -7.22 -11.73
N PHE A 245 23.19 -7.83 -11.76
CA PHE A 245 22.14 -7.28 -10.91
C PHE A 245 22.52 -7.32 -9.42
N ASN A 246 23.07 -8.44 -8.99
CA ASN A 246 23.52 -8.62 -7.62
C ASN A 246 24.49 -7.52 -7.23
N ARG A 247 25.47 -7.27 -8.10
CA ARG A 247 26.48 -6.26 -7.84
C ARG A 247 25.84 -4.88 -7.78
N GLN A 248 25.02 -4.59 -8.76
CA GLN A 248 24.41 -3.28 -8.94
C GLN A 248 23.40 -2.91 -7.85
N VAL A 249 22.60 -3.88 -7.41
CA VAL A 249 21.63 -3.63 -6.33
C VAL A 249 22.39 -3.27 -5.03
N ALA A 250 23.49 -3.98 -4.77
CA ALA A 250 24.24 -3.78 -3.52
C ALA A 250 24.95 -2.42 -3.43
N MSE A 251 25.54 -1.96 -4.52
CA MSE A 251 26.12 -0.60 -4.61
C MSE A 251 25.08 0.49 -4.43
O MSE A 251 25.31 1.48 -3.76
CB MSE A 251 26.80 -0.38 -5.96
CG MSE A 251 27.93 -1.38 -6.27
SE MSE A 251 29.41 -1.08 -5.00
CE MSE A 251 30.65 -2.48 -5.60
N ALA A 252 23.92 0.33 -5.05
CA ALA A 252 22.84 1.31 -4.91
C ALA A 252 22.31 1.33 -3.47
N PHE A 253 22.69 0.34 -2.67
CA PHE A 253 22.21 0.22 -1.30
C PHE A 253 23.34 0.52 -0.34
N ASP A 254 24.40 1.12 -0.86
CA ASP A 254 25.61 1.37 -0.06
C ASP A 254 26.24 0.18 0.61
N MSE A 255 25.94 -1.02 0.13
CA MSE A 255 26.44 -2.23 0.74
C MSE A 255 25.99 -2.35 2.19
O MSE A 255 26.59 -3.07 2.97
CB MSE A 255 27.97 -2.26 0.68
CG MSE A 255 28.53 -1.89 -0.68
SE MSE A 255 28.42 -3.45 -1.81
CE MSE A 255 28.88 -4.78 -0.45
N ARG A 256 24.91 -1.66 2.52
CA ARG A 256 24.35 -1.67 3.86
C ARG A 256 24.23 -3.05 4.43
N LEU A 257 23.80 -4.01 3.60
CA LEU A 257 23.74 -5.42 4.04
C LEU A 257 24.76 -6.32 3.34
N GLY A 258 25.84 -5.74 2.83
CA GLY A 258 26.85 -6.56 2.16
C GLY A 258 26.45 -7.12 0.80
N LEU A 259 27.18 -8.15 0.36
CA LEU A 259 26.94 -8.80 -0.92
C LEU A 259 25.51 -9.24 -1.06
N CYS A 260 24.98 -9.19 -2.28
CA CYS A 260 23.57 -9.47 -2.53
C CYS A 260 23.34 -10.59 -3.54
N GLU A 261 22.30 -11.39 -3.30
CA GLU A 261 21.96 -12.46 -4.23
C GLU A 261 20.45 -12.59 -4.45
N LEU A 262 20.02 -12.36 -5.69
CA LEU A 262 18.64 -12.49 -6.09
C LEU A 262 18.24 -13.95 -5.95
N GLU A 263 17.12 -14.22 -5.28
CA GLU A 263 16.62 -15.59 -5.26
C GLU A 263 15.51 -15.72 -6.27
N SER A 264 14.53 -14.85 -6.16
CA SER A 264 13.34 -14.95 -6.98
C SER A 264 13.52 -14.31 -8.37
N GLU A 265 12.47 -14.38 -9.19
CA GLU A 265 12.41 -13.64 -10.44
C GLU A 265 12.37 -12.12 -10.19
N ARG A 266 12.82 -11.33 -11.16
CA ARG A 266 12.68 -9.85 -11.09
C ARG A 266 11.43 -9.36 -11.82
N GLN A 267 10.56 -8.68 -11.09
CA GLN A 267 9.28 -8.22 -11.62
C GLN A 267 9.14 -6.70 -11.51
N THR A 268 8.61 -6.08 -12.56
CA THR A 268 8.37 -4.65 -12.58
C THR A 268 6.90 -4.32 -12.81
N PHE A 269 6.43 -3.19 -12.29
CA PHE A 269 5.06 -2.79 -12.55
C PHE A 269 4.99 -1.30 -12.36
N PRO A 270 4.16 -0.61 -13.17
CA PRO A 270 4.12 0.85 -13.14
C PRO A 270 3.52 1.30 -11.86
N LEU A 271 4.04 2.39 -11.30
CA LEU A 271 3.54 2.96 -10.06
C LEU A 271 2.42 3.94 -10.38
N MSE A 272 1.19 3.45 -10.30
CA MSE A 272 0.03 4.14 -10.87
C MSE A 272 -0.55 5.30 -10.06
O MSE A 272 -1.55 5.92 -10.45
CB MSE A 272 -1.05 3.13 -11.16
CG MSE A 272 -0.50 1.98 -11.91
SE MSE A 272 -1.27 2.14 -13.67
CE MSE A 272 -3.20 2.05 -13.19
N GLY A 273 0.12 5.59 -8.95
CA GLY A 273 0.07 6.92 -8.38
C GLY A 273 0.43 7.89 -9.49
N ARG A 274 0.34 9.18 -9.21
CA ARG A 274 0.43 9.72 -7.87
C ARG A 274 -0.64 10.78 -7.74
N TYR A 275 -1.31 11.07 -8.86
CA TYR A 275 -2.26 12.18 -8.94
C TYR A 275 -3.72 11.68 -8.91
N ALA A 276 -3.97 10.58 -8.19
CA ALA A 276 -5.30 9.95 -8.11
C ALA A 276 -5.34 8.81 -7.08
N ARG A 277 -6.55 8.47 -6.65
CA ARG A 277 -6.80 7.35 -5.74
C ARG A 277 -8.29 7.24 -5.44
N SER A 278 -9.06 8.20 -5.97
CA SER A 278 -10.48 8.26 -5.71
C SER A 278 -11.24 8.83 -6.89
N PHE A 279 -12.41 8.25 -7.14
CA PHE A 279 -13.35 8.79 -8.11
C PHE A 279 -14.77 8.48 -7.62
N ALA A 280 -15.55 9.53 -7.38
CA ALA A 280 -16.96 9.36 -7.06
C ALA A 280 -17.78 9.72 -8.28
N ALA A 281 -18.93 9.07 -8.41
CA ALA A 281 -19.82 9.32 -9.53
C ALA A 281 -21.23 8.94 -9.12
N HIS A 282 -22.19 9.25 -9.97
CA HIS A 282 -23.57 8.85 -9.71
C HIS A 282 -23.59 7.34 -9.51
N ARG A 283 -23.98 6.93 -8.30
CA ARG A 283 -23.87 5.56 -7.79
C ARG A 283 -22.61 4.75 -8.14
N LEU A 284 -21.51 5.45 -8.39
CA LEU A 284 -20.19 4.81 -8.54
C LEU A 284 -19.13 5.38 -7.60
N VAL A 285 -18.38 4.49 -6.95
CA VAL A 285 -17.22 4.88 -6.17
C VAL A 285 -16.05 4.07 -6.67
N LEU A 286 -14.95 4.75 -6.94
CA LEU A 286 -13.72 4.10 -7.35
C LEU A 286 -12.69 4.31 -6.26
N VAL A 287 -12.02 3.24 -5.86
CA VAL A 287 -10.90 3.40 -4.96
C VAL A 287 -9.69 2.91 -5.71
N GLY A 288 -8.60 3.68 -5.59
CA GLY A 288 -7.41 3.47 -6.37
C GLY A 288 -6.78 2.12 -6.11
N ASP A 289 -5.94 1.70 -7.04
CA ASP A 289 -5.21 0.48 -6.86
C ASP A 289 -4.02 0.81 -5.97
N ALA A 290 -4.33 1.13 -4.72
CA ALA A 290 -3.31 1.58 -3.77
C ALA A 290 -2.15 0.59 -3.66
N ALA A 291 -2.42 -0.69 -3.93
CA ALA A 291 -1.38 -1.71 -3.95
C ALA A 291 -0.28 -1.39 -4.98
N HIS A 292 -0.57 -0.57 -5.97
CA HIS A 292 0.44 -0.29 -6.98
C HIS A 292 0.80 1.17 -7.09
N THR A 293 0.68 1.89 -5.98
CA THR A 293 0.85 3.31 -6.02
C THR A 293 2.00 3.81 -5.13
N ILE A 294 2.61 4.88 -5.61
CA ILE A 294 3.76 5.46 -4.95
C ILE A 294 3.46 5.80 -3.47
N HIS A 295 4.48 5.80 -2.63
CA HIS A 295 4.33 6.14 -1.21
C HIS A 295 5.72 6.47 -0.72
N PRO A 296 5.82 7.38 0.24
CA PRO A 296 7.11 7.73 0.86
C PRO A 296 7.76 6.53 1.51
N LEU A 297 6.94 5.68 2.11
CA LEU A 297 7.42 4.50 2.83
C LEU A 297 7.20 3.29 1.93
N ALA A 298 8.30 2.62 1.56
CA ALA A 298 8.19 1.49 0.63
C ALA A 298 7.27 0.39 1.13
N GLY A 299 6.46 -0.13 0.21
CA GLY A 299 5.64 -1.28 0.49
C GLY A 299 4.36 -0.89 1.20
N GLN A 300 4.12 0.42 1.28
CA GLN A 300 3.01 0.95 2.09
C GLN A 300 1.75 1.44 1.32
N GLY A 301 1.83 1.47 -0.01
CA GLY A 301 0.73 1.97 -0.82
C GLY A 301 -0.63 1.41 -0.47
N VAL A 302 -0.69 0.10 -0.24
CA VAL A 302 -1.97 -0.59 0.00
C VAL A 302 -2.68 -0.02 1.23
N ASN A 303 -1.91 0.48 2.20
CA ASN A 303 -2.46 1.09 3.41
C ASN A 303 -3.41 2.22 3.11
N LEU A 304 -3.05 3.01 2.10
CA LEU A 304 -3.89 4.10 1.60
C LEU A 304 -5.23 3.56 1.10
N GLY A 305 -5.23 2.34 0.58
CA GLY A 305 -6.44 1.72 0.11
C GLY A 305 -7.30 1.23 1.28
N PHE A 306 -6.65 0.59 2.24
CA PHE A 306 -7.34 0.09 3.41
C PHE A 306 -7.93 1.25 4.19
N MSE A 307 -7.26 2.39 4.13
CA MSE A 307 -7.81 3.59 4.75
C MSE A 307 -8.94 4.24 3.93
O MSE A 307 -9.88 4.79 4.51
CB MSE A 307 -6.71 4.58 5.14
CG MSE A 307 -5.83 4.09 6.32
SE MSE A 307 -6.73 3.67 8.06
CE MSE A 307 -7.23 1.77 7.78
N ASP A 308 -8.88 4.15 2.60
CA ASP A 308 -10.01 4.56 1.76
C ASP A 308 -11.28 3.82 2.16
N VAL A 309 -11.18 2.50 2.34
CA VAL A 309 -12.36 1.68 2.58
C VAL A 309 -12.90 1.78 4.01
N ALA A 310 -12.01 1.84 4.99
CA ALA A 310 -12.43 2.05 6.37
C ALA A 310 -13.30 3.29 6.43
N GLU A 311 -12.83 4.36 5.80
CA GLU A 311 -13.60 5.59 5.79
C GLU A 311 -14.88 5.39 5.00
N LEU A 312 -14.82 4.51 4.01
CA LEU A 312 -15.99 4.24 3.18
C LEU A 312 -16.98 3.35 3.91
N ILE A 313 -16.46 2.40 4.69
CA ILE A 313 -17.31 1.57 5.54
C ILE A 313 -18.03 2.53 6.46
N ALA A 314 -17.25 3.38 7.11
CA ALA A 314 -17.77 4.37 8.05
C ALA A 314 -18.89 5.22 7.43
N GLU A 315 -18.62 5.83 6.29
CA GLU A 315 -19.61 6.69 5.65
C GLU A 315 -20.85 5.95 5.14
N LEU A 316 -20.65 4.77 4.56
CA LEU A 316 -21.75 4.05 3.93
C LEU A 316 -22.84 3.62 4.92
N LYS A 317 -22.46 2.92 5.98
CA LYS A 317 -23.39 2.64 7.07
C LYS A 317 -23.93 3.98 7.53
N ARG A 318 -25.08 4.36 6.94
CA ARG A 318 -25.54 5.75 6.83
C ARG A 318 -24.87 6.80 7.72
N LYS A 324 -28.87 8.29 3.68
CA LYS A 324 -29.98 8.23 2.73
C LYS A 324 -29.93 7.02 1.78
N ASP A 325 -29.39 7.24 0.59
CA ASP A 325 -29.55 6.35 -0.57
C ASP A 325 -28.27 5.64 -1.03
N ILE A 326 -27.18 5.81 -0.29
CA ILE A 326 -25.97 5.04 -0.55
C ILE A 326 -25.28 5.32 -1.91
N GLY A 327 -26.07 5.65 -2.93
CA GLY A 327 -25.56 5.74 -4.29
C GLY A 327 -25.40 7.16 -4.81
N GLN A 328 -26.29 8.06 -4.40
CA GLN A 328 -26.24 9.43 -4.89
C GLN A 328 -24.90 10.14 -4.68
N HIS A 329 -24.42 10.76 -5.74
CA HIS A 329 -23.11 11.40 -5.78
C HIS A 329 -23.13 12.77 -5.11
N LEU A 330 -23.71 12.84 -3.93
CA LEU A 330 -23.74 14.08 -3.16
C LEU A 330 -23.12 13.78 -1.80
N TYR A 331 -23.67 12.75 -1.16
CA TYR A 331 -23.14 12.21 0.07
C TYR A 331 -21.84 11.45 -0.20
N LEU A 332 -21.29 11.62 -1.39
CA LEU A 332 -20.15 10.85 -1.86
C LEU A 332 -18.94 11.72 -2.18
N ARG A 333 -19.18 12.87 -2.82
CA ARG A 333 -18.08 13.74 -3.25
C ARG A 333 -17.35 14.36 -2.09
N ARG A 334 -17.99 14.36 -0.92
CA ARG A 334 -17.37 14.82 0.32
C ARG A 334 -16.37 13.78 0.82
N TYR A 335 -16.68 12.51 0.53
CA TYR A 335 -15.78 11.40 0.76
C TYR A 335 -14.60 11.52 -0.21
N GLU A 336 -14.91 11.97 -1.43
CA GLU A 336 -13.93 12.14 -2.48
C GLU A 336 -12.94 13.23 -2.11
N ARG A 337 -13.46 14.32 -1.54
CA ARG A 337 -12.66 15.44 -1.02
C ARG A 337 -11.57 14.90 -0.08
N ARG A 338 -12.00 14.15 0.94
CA ARG A 338 -11.10 13.53 1.93
C ARG A 338 -9.97 12.68 1.32
N ARG A 339 -10.24 12.00 0.20
CA ARG A 339 -9.28 11.07 -0.39
C ARG A 339 -8.28 11.75 -1.33
N LYS A 340 -8.78 12.59 -2.22
CA LYS A 340 -7.93 13.43 -3.06
C LYS A 340 -7.05 14.21 -2.11
N HIS A 341 -7.60 14.58 -0.96
CA HIS A 341 -6.85 15.30 0.06
C HIS A 341 -5.66 14.47 0.57
N SER A 342 -5.96 13.24 0.96
CA SER A 342 -4.95 12.27 1.39
C SER A 342 -3.86 12.03 0.33
N ALA A 343 -4.23 12.09 -0.94
CA ALA A 343 -3.25 11.87 -2.01
C ALA A 343 -2.31 13.07 -2.18
N ALA A 344 -2.81 14.27 -1.85
CA ALA A 344 -2.00 15.47 -1.90
C ALA A 344 -1.04 15.42 -0.73
N VAL A 345 -1.53 14.95 0.42
CA VAL A 345 -0.69 14.81 1.60
C VAL A 345 0.48 13.88 1.36
N MSE A 346 0.24 12.77 0.66
CA MSE A 346 1.27 11.77 0.33
C MSE A 346 2.29 12.34 -0.63
O MSE A 346 3.49 12.02 -0.58
CB MSE A 346 0.63 10.53 -0.32
CG MSE A 346 -0.19 9.65 0.62
SE MSE A 346 0.58 9.54 2.44
CE MSE A 346 2.02 8.52 1.98
N LEU A 347 1.82 13.17 -1.54
CA LEU A 347 2.68 13.83 -2.50
C LEU A 347 3.59 14.84 -1.79
N ALA A 348 2.96 15.68 -0.97
CA ALA A 348 3.68 16.65 -0.15
C ALA A 348 4.68 15.95 0.77
N SER A 349 4.38 14.74 1.19
CA SER A 349 5.32 14.05 2.05
C SER A 349 6.61 13.59 1.29
N MSE A 350 6.44 13.00 0.11
CA MSE A 350 7.60 12.64 -0.68
CA MSE A 350 7.54 12.64 -0.79
C MSE A 350 8.45 13.87 -1.00
O MSE A 350 9.67 13.83 -0.86
CB MSE A 350 7.24 11.88 -1.97
CB MSE A 350 6.95 12.23 -2.15
CG MSE A 350 7.74 10.43 -1.98
CG MSE A 350 7.52 10.98 -2.82
SE MSE A 350 9.70 10.35 -1.82
SE MSE A 350 6.35 9.38 -2.78
CE MSE A 350 9.92 8.66 -0.88
CE MSE A 350 4.63 10.19 -3.17
N GLN A 351 7.80 14.96 -1.36
CA GLN A 351 8.53 16.18 -1.58
C GLN A 351 9.29 16.54 -0.29
N GLY A 352 8.62 16.44 0.87
CA GLY A 352 9.26 16.71 2.14
C GLY A 352 10.45 15.83 2.55
N PHE A 353 10.45 14.53 2.22
CA PHE A 353 11.62 13.71 2.51
C PHE A 353 12.85 14.15 1.70
N ARG A 354 12.63 14.68 0.50
CA ARG A 354 13.72 15.05 -0.37
C ARG A 354 14.33 16.35 0.12
N GLU A 355 13.49 17.26 0.62
CA GLU A 355 13.92 18.53 1.12
C GLU A 355 14.79 18.26 2.34
N LEU A 356 14.29 17.42 3.22
CA LEU A 356 15.04 17.04 4.41
C LEU A 356 16.43 16.44 4.12
N PHE A 357 16.52 15.54 3.14
CA PHE A 357 17.82 14.96 2.85
C PHE A 357 18.76 15.95 2.17
N ASP A 358 18.30 16.67 1.15
CA ASP A 358 19.11 17.70 0.53
C ASP A 358 19.51 18.84 1.50
N GLY A 359 18.83 18.96 2.62
CA GLY A 359 19.19 19.97 3.57
C GLY A 359 20.17 19.49 4.63
N ASP A 360 20.39 18.18 4.71
CA ASP A 360 21.32 17.66 5.69
C ASP A 360 22.73 17.64 5.07
N ASN A 361 23.28 18.82 4.85
CA ASN A 361 24.52 18.97 4.12
C ASN A 361 25.64 19.59 4.98
N PRO A 362 26.86 19.71 4.44
CA PRO A 362 27.86 20.19 5.39
C PRO A 362 27.64 21.63 5.88
N ALA A 363 27.09 22.53 5.06
CA ALA A 363 26.86 23.92 5.52
C ALA A 363 25.90 23.92 6.71
N LYS A 364 24.85 23.10 6.65
CA LYS A 364 23.95 22.96 7.80
C LYS A 364 24.68 22.43 9.02
N LYS A 365 25.59 21.49 8.82
CA LYS A 365 26.35 20.98 9.96
C LYS A 365 27.13 22.10 10.64
N LEU A 366 27.75 22.96 9.84
CA LEU A 366 28.50 24.09 10.37
C LEU A 366 27.61 25.01 11.19
N LEU A 367 26.39 25.23 10.73
CA LEU A 367 25.48 26.18 11.36
C LEU A 367 24.87 25.64 12.62
N ARG A 368 24.66 24.33 12.65
CA ARG A 368 24.19 23.64 13.83
C ARG A 368 25.15 23.93 14.95
N ASP A 369 26.41 23.62 14.69
CA ASP A 369 27.49 23.85 15.63
C ASP A 369 27.52 25.27 16.19
N VAL A 370 27.25 26.25 15.34
CA VAL A 370 27.42 27.67 15.71
C VAL A 370 26.09 28.31 16.12
N GLY A 371 25.03 27.52 16.13
CA GLY A 371 23.69 28.03 16.46
C GLY A 371 23.08 29.11 15.58
N LEU A 372 23.15 28.97 14.26
CA LEU A 372 22.49 29.92 13.36
C LEU A 372 21.55 29.20 12.36
N VAL A 373 21.12 28.00 12.70
CA VAL A 373 20.17 27.29 11.85
C VAL A 373 18.82 27.98 11.94
N LEU A 374 18.26 28.27 10.78
CA LEU A 374 16.94 28.84 10.63
C LEU A 374 15.92 27.70 10.41
N ALA A 375 16.29 26.75 9.56
CA ALA A 375 15.36 25.75 9.14
C ALA A 375 16.09 24.43 9.18
N ASP A 376 15.44 23.43 9.78
CA ASP A 376 16.10 22.17 10.05
C ASP A 376 15.11 21.03 10.30
N LYS A 377 15.65 19.84 10.56
CA LYS A 377 14.83 18.73 11.01
C LYS A 377 14.25 19.16 12.35
N LEU A 378 12.97 18.89 12.55
CA LEU A 378 12.25 19.43 13.68
C LEU A 378 12.56 18.61 14.88
N PRO A 379 12.55 19.27 16.03
CA PRO A 379 12.30 18.45 17.19
C PRO A 379 10.79 18.12 17.16
N GLY A 380 10.48 16.85 17.30
CA GLY A 380 11.43 15.83 17.06
C GLY A 380 10.66 15.12 15.95
N ILE A 381 11.30 14.95 14.81
CA ILE A 381 10.61 14.19 13.83
C ILE A 381 10.63 12.71 13.99
N LYS A 382 11.48 12.16 14.84
CA LYS A 382 11.37 10.72 15.15
C LYS A 382 9.94 10.34 15.53
N PRO A 383 9.38 10.94 16.60
CA PRO A 383 7.98 10.62 16.90
C PRO A 383 7.00 10.90 15.75
N THR A 384 7.22 11.94 14.95
CA THR A 384 6.30 12.16 13.83
C THR A 384 6.50 11.09 12.73
N LEU A 385 7.73 10.67 12.50
CA LEU A 385 8.03 9.60 11.56
C LEU A 385 7.36 8.27 11.98
N VAL A 386 7.24 8.06 13.30
CA VAL A 386 6.61 6.87 13.84
C VAL A 386 5.07 6.87 13.69
N ARG A 387 4.45 8.00 13.99
CA ARG A 387 3.02 8.16 13.75
C ARG A 387 2.65 8.06 12.26
N GLN A 388 3.59 8.40 11.38
CA GLN A 388 3.33 8.25 9.96
C GLN A 388 3.51 6.83 9.44
N ALA A 389 4.58 6.18 9.90
CA ALA A 389 4.85 4.79 9.53
C ALA A 389 3.73 3.89 10.03
N MSE A 390 3.35 4.07 11.28
CA MSE A 390 2.25 3.31 11.85
C MSE A 390 0.94 3.72 11.23
O MSE A 390 -0.03 2.95 11.24
CB MSE A 390 2.19 3.50 13.35
CG MSE A 390 3.44 3.00 14.01
SE MSE A 390 3.40 3.17 15.91
CE MSE A 390 1.85 2.02 16.30
N GLY A 391 0.92 4.93 10.68
CA GLY A 391 -0.26 5.48 10.04
C GLY A 391 -1.43 5.55 10.99
N LEU A 392 -1.15 5.64 12.30
CA LEU A 392 -2.21 5.68 13.30
C LEU A 392 -2.95 7.02 13.27
N HIS A 393 -2.42 7.96 12.49
CA HIS A 393 -3.23 9.05 11.97
C HIS A 393 -4.08 8.41 10.86
N ASP A 394 -4.59 9.17 9.90
CA ASP A 394 -5.40 8.55 8.83
C ASP A 394 -6.61 7.69 9.28
N LEU A 395 -6.55 7.10 10.47
CA LEU A 395 -7.62 6.26 11.01
C LEU A 395 -8.86 7.11 11.29
N PRO A 396 -10.05 6.48 11.34
CA PRO A 396 -11.22 7.28 11.74
C PRO A 396 -11.46 7.22 13.25
N ASP A 397 -11.50 5.99 13.77
CA ASP A 397 -11.80 5.68 15.16
C ASP A 397 -13.16 6.14 15.70
N TRP A 398 -14.24 5.50 15.25
CA TRP A 398 -14.21 4.53 14.16
C TRP A 398 -15.49 4.64 13.35
#